data_4DGE
#
_entry.id   4DGE
#
_cell.length_a   39.070
_cell.length_b   59.710
_cell.length_c   70.470
_cell.angle_alpha   65.080
_cell.angle_beta   83.870
_cell.angle_gamma   79.650
#
_symmetry.space_group_name_H-M   'P 1'
#
loop_
_entity.id
_entity.type
_entity.pdbx_description
1 polymer TRIMCyp
2 polymer 'capsid protein'
3 water water
#
loop_
_entity_poly.entity_id
_entity_poly.type
_entity_poly.pdbx_seq_one_letter_code
_entity_poly.pdbx_strand_id
1 'polypeptide(L)'
;MVNPTVFFDIAVDGEPLGRVSFELFADKVPKTAENFRALSTGEKGFGYKGSCFHRIIPGFMCQGGNFTHCNGTGGKSIYG
EKFEDENFILKHTGPGILSMANAGPNTNGSQFFICTAKTEWLDGKHVVFGKVKEGMNIVEAMERFGSRNGKTSKKITIAD
CGQLE
;
A,B
2 'polypeptide(L)'
;MPIVQNLQGQMVHQAISPRTLNAWVKVVEEKAFSPEVIPMFSALSEGATPQDLNTMLNTVGGHQAAMQMLKETINEEAAE
WDRTHPPAMGPLPPGQIREPTGSDIAGTTSTLQEQIGWMTHNPPIPVGEIYKRWIILGLNKIVRMY
;
C,D
#
# COMPACT_ATOMS: atom_id res chain seq x y z
N VAL A 2 19.77 37.94 -26.40
CA VAL A 2 20.16 36.50 -26.37
C VAL A 2 19.62 35.79 -25.13
N ASN A 3 19.12 34.57 -25.29
CA ASN A 3 18.68 33.79 -24.12
C ASN A 3 19.81 33.64 -23.10
N PRO A 4 19.53 33.85 -21.80
CA PRO A 4 20.60 33.69 -20.80
C PRO A 4 21.07 32.24 -20.60
N THR A 5 22.30 32.09 -20.15
CA THR A 5 22.91 30.81 -19.89
C THR A 5 23.38 30.80 -18.45
N VAL A 6 23.13 29.67 -17.77
CA VAL A 6 23.49 29.47 -16.38
C VAL A 6 24.33 28.16 -16.29
N PHE A 7 25.25 28.11 -15.33
CA PHE A 7 25.95 26.89 -14.99
C PHE A 7 25.72 26.47 -13.56
N PHE A 8 25.65 25.15 -13.35
CA PHE A 8 25.88 24.52 -12.05
C PHE A 8 27.20 23.75 -12.06
N ASP A 9 28.00 23.91 -11.00
CA ASP A 9 29.10 23.00 -10.71
C ASP A 9 28.64 22.02 -9.64
N ILE A 10 28.57 20.75 -10.01
CA ILE A 10 28.00 19.70 -9.17
C ILE A 10 29.11 18.98 -8.41
N ALA A 11 28.84 18.65 -7.15
CA ALA A 11 29.75 17.90 -6.33
C ALA A 11 29.04 16.71 -5.73
N VAL A 12 29.81 15.65 -5.49
CA VAL A 12 29.33 14.43 -4.82
C VAL A 12 30.11 14.28 -3.51
N ASP A 13 29.40 14.38 -2.37
CA ASP A 13 30.03 14.42 -1.04
C ASP A 13 31.25 15.33 -1.00
N GLY A 14 31.08 16.52 -1.56
CA GLY A 14 32.12 17.55 -1.54
C GLY A 14 33.21 17.43 -2.58
N GLU A 15 33.14 16.42 -3.44
CA GLU A 15 34.12 16.25 -4.51
C GLU A 15 33.55 16.67 -5.86
N PRO A 16 34.28 17.51 -6.60
CA PRO A 16 33.70 17.96 -7.85
C PRO A 16 33.43 16.81 -8.81
N LEU A 17 32.24 16.84 -9.40
CA LEU A 17 31.85 15.90 -10.45
C LEU A 17 31.97 16.58 -11.81
N GLY A 18 31.46 17.82 -11.93
CA GLY A 18 31.67 18.61 -13.15
C GLY A 18 30.61 19.67 -13.35
N ARG A 19 30.62 20.29 -14.52
CA ARG A 19 29.78 21.46 -14.82
C ARG A 19 28.64 21.13 -15.76
N VAL A 20 27.45 21.58 -15.40
CA VAL A 20 26.33 21.54 -16.30
C VAL A 20 25.92 22.95 -16.63
N SER A 21 25.65 23.22 -17.90
CA SER A 21 25.10 24.53 -18.27
C SER A 21 23.74 24.44 -18.97
N PHE A 22 22.93 25.47 -18.80
CA PHE A 22 21.56 25.51 -19.31
C PHE A 22 21.29 26.77 -20.10
N GLU A 23 20.65 26.65 -21.25
CA GLU A 23 20.02 27.81 -21.89
C GLU A 23 18.64 27.95 -21.25
N LEU A 24 18.26 29.19 -20.93
CA LEU A 24 16.93 29.46 -20.37
C LEU A 24 16.08 30.19 -21.41
N PHE A 25 14.88 29.69 -21.65
CA PHE A 25 14.09 30.15 -22.80
C PHE A 25 13.30 31.41 -22.41
N ALA A 26 14.04 32.49 -22.17
CA ALA A 26 13.49 33.78 -21.77
C ALA A 26 12.62 34.37 -22.88
N ASP A 27 12.93 34.05 -24.13
CA ASP A 27 12.08 34.47 -25.25
C ASP A 27 10.64 33.99 -25.12
N LYS A 28 10.44 32.82 -24.49
CA LYS A 28 9.09 32.20 -24.39
C LYS A 28 8.51 32.10 -22.98
N VAL A 29 9.35 31.99 -21.97
CA VAL A 29 8.88 31.97 -20.57
C VAL A 29 9.74 32.95 -19.76
N PRO A 30 9.60 34.26 -20.01
CA PRO A 30 10.50 35.23 -19.37
C PRO A 30 10.41 35.30 -17.84
N LYS A 31 9.21 35.17 -17.27
CA LYS A 31 9.08 35.22 -15.80
C LYS A 31 9.78 34.03 -15.13
N THR A 32 9.56 32.85 -15.70
CA THR A 32 10.07 31.61 -15.13
C THR A 32 11.56 31.53 -15.32
N ALA A 33 12.03 31.93 -16.51
CA ALA A 33 13.45 32.01 -16.82
C ALA A 33 14.15 32.98 -15.86
N GLU A 34 13.50 34.11 -15.58
CA GLU A 34 14.14 35.12 -14.75
C GLU A 34 14.31 34.60 -13.31
N ASN A 35 13.28 33.93 -12.77
CA ASN A 35 13.36 33.31 -11.43
C ASN A 35 14.58 32.37 -11.33
N PHE A 36 14.76 31.52 -12.32
CA PHE A 36 15.84 30.55 -12.29
C PHE A 36 17.20 31.22 -12.44
N ARG A 37 17.29 32.19 -13.34
CA ARG A 37 18.50 32.93 -13.56
C ARG A 37 18.96 33.63 -12.27
N ALA A 38 18.05 34.37 -11.65
CA ALA A 38 18.34 35.07 -10.39
C ALA A 38 18.66 34.13 -9.22
N LEU A 39 17.93 33.01 -9.07
CA LEU A 39 18.31 32.02 -8.05
C LEU A 39 19.68 31.37 -8.33
N SER A 40 20.06 31.31 -9.60
CA SER A 40 21.37 30.82 -9.98
C SER A 40 22.50 31.79 -9.58
N THR A 41 22.27 33.10 -9.66
CA THR A 41 23.32 34.06 -9.35
C THR A 41 23.36 34.43 -7.88
N GLY A 42 22.28 34.23 -7.13
CA GLY A 42 22.24 34.59 -5.71
C GLY A 42 22.00 36.09 -5.49
N GLU A 43 21.65 36.79 -6.56
CA GLU A 43 21.55 38.24 -6.54
C GLU A 43 20.35 38.79 -5.75
N LYS A 44 19.39 37.96 -5.36
CA LYS A 44 18.35 38.42 -4.43
C LYS A 44 18.74 38.10 -2.99
N GLY A 45 19.90 37.49 -2.79
CA GLY A 45 20.39 37.20 -1.46
C GLY A 45 20.19 35.76 -1.04
N PHE A 46 19.66 34.95 -1.94
CA PHE A 46 19.52 33.50 -1.74
C PHE A 46 19.45 32.83 -3.08
N GLY A 47 19.49 31.51 -3.09
CA GLY A 47 19.48 30.79 -4.32
C GLY A 47 20.11 29.43 -4.18
N TYR A 48 20.52 28.89 -5.33
CA TYR A 48 20.79 27.49 -5.49
C TYR A 48 22.14 27.03 -4.96
N LYS A 49 23.08 27.96 -4.76
CA LYS A 49 24.43 27.61 -4.29
C LYS A 49 24.33 26.96 -2.94
N GLY A 50 25.01 25.84 -2.78
CA GLY A 50 24.92 25.03 -1.57
C GLY A 50 23.74 24.07 -1.49
N SER A 51 22.77 24.11 -2.42
CA SER A 51 21.59 23.21 -2.33
C SER A 51 21.80 21.84 -3.00
N CYS A 52 20.94 20.89 -2.65
CA CYS A 52 21.14 19.48 -3.04
C CYS A 52 20.16 19.05 -4.15
N PHE A 53 20.51 17.98 -4.88
CA PHE A 53 19.52 17.19 -5.61
C PHE A 53 18.98 16.12 -4.65
N HIS A 54 17.77 16.33 -4.14
CA HIS A 54 17.21 15.47 -3.12
C HIS A 54 16.47 14.25 -3.69
N ARG A 55 16.19 14.27 -4.99
CA ARG A 55 15.39 13.21 -5.62
C ARG A 55 15.90 12.90 -7.02
N ILE A 56 16.53 11.72 -7.20
CA ILE A 56 17.08 11.29 -8.50
C ILE A 56 16.54 9.92 -8.87
N ILE A 57 15.81 9.86 -9.96
CA ILE A 57 15.25 8.61 -10.45
C ILE A 57 15.89 8.35 -11.79
N PRO A 58 16.81 7.38 -11.87
CA PRO A 58 17.44 7.03 -13.15
C PRO A 58 16.44 6.78 -14.28
N GLY A 59 16.70 7.36 -15.45
CA GLY A 59 15.79 7.21 -16.62
C GLY A 59 14.52 8.04 -16.58
N PHE A 60 14.37 8.86 -15.54
CA PHE A 60 13.20 9.74 -15.42
C PHE A 60 13.70 11.20 -15.27
N MET A 61 14.19 11.57 -14.09
CA MET A 61 14.68 12.93 -13.86
C MET A 61 15.50 13.12 -12.56
N CYS A 62 16.20 14.26 -12.51
CA CYS A 62 16.95 14.76 -11.36
C CYS A 62 16.32 16.10 -10.92
N GLN A 63 15.87 16.12 -9.66
CA GLN A 63 15.13 17.21 -9.05
C GLN A 63 15.95 17.84 -7.94
N GLY A 64 15.99 19.16 -7.93
CA GLY A 64 16.65 19.92 -6.86
C GLY A 64 16.09 21.32 -6.74
N GLY A 65 16.89 22.20 -6.12
CA GLY A 65 16.54 23.61 -5.95
C GLY A 65 15.80 23.99 -4.68
N ASN A 66 15.58 23.04 -3.77
CA ASN A 66 15.08 23.38 -2.43
C ASN A 66 16.27 23.87 -1.60
N PHE A 67 16.48 25.19 -1.59
CA PHE A 67 17.66 25.75 -0.90
C PHE A 67 17.43 25.89 0.60
N THR A 68 16.29 25.44 1.11
CA THR A 68 16.07 25.42 2.57
C THR A 68 16.42 24.04 3.17
N HIS A 69 15.85 22.96 2.63
CA HIS A 69 16.24 21.59 3.05
C HIS A 69 16.54 20.67 1.89
N CYS A 70 17.23 19.58 2.19
CA CYS A 70 17.45 18.52 1.21
C CYS A 70 16.24 17.57 1.20
N ASN A 71 15.14 18.09 0.64
CA ASN A 71 13.87 17.35 0.52
C ASN A 71 12.93 18.13 -0.41
N GLY A 72 11.71 17.62 -0.59
CA GLY A 72 10.79 18.15 -1.60
C GLY A 72 9.82 19.18 -1.09
N THR A 73 10.03 19.64 0.15
CA THR A 73 9.16 20.60 0.79
C THR A 73 9.99 21.86 1.12
N GLY A 74 9.92 22.87 0.26
CA GLY A 74 10.65 24.13 0.52
C GLY A 74 11.12 24.88 -0.70
N GLY A 75 11.72 26.04 -0.44
CA GLY A 75 12.11 26.96 -1.51
C GLY A 75 11.05 28.00 -1.78
N LYS A 76 11.49 29.14 -2.30
CA LYS A 76 10.58 30.17 -2.74
C LYS A 76 11.10 30.77 -4.02
N SER A 77 10.23 31.43 -4.77
CA SER A 77 10.67 32.12 -5.98
C SER A 77 11.12 33.49 -5.57
N ILE A 78 11.66 34.22 -6.55
CA ILE A 78 12.02 35.63 -6.33
C ILE A 78 10.77 36.53 -6.29
N TYR A 79 9.60 35.97 -6.60
CA TYR A 79 8.38 36.75 -6.64
C TYR A 79 7.54 36.61 -5.37
N GLY A 80 7.92 35.68 -4.49
CA GLY A 80 7.12 35.26 -3.35
C GLY A 80 7.19 33.76 -3.25
N GLU A 81 6.41 33.20 -2.32
CA GLU A 81 6.48 31.78 -2.01
C GLU A 81 6.15 30.92 -3.25
N LYS A 82 5.11 31.31 -3.98
CA LYS A 82 4.76 30.57 -5.18
C LYS A 82 4.43 31.53 -6.31
N PHE A 83 4.59 31.07 -7.54
CA PHE A 83 4.04 31.81 -8.65
C PHE A 83 3.33 30.93 -9.66
N GLU A 84 2.60 31.61 -10.53
CA GLU A 84 1.72 30.99 -11.48
C GLU A 84 2.52 30.25 -12.53
N ASP A 85 1.80 29.35 -13.19
CA ASP A 85 2.29 28.64 -14.33
C ASP A 85 2.21 29.65 -15.49
N GLU A 86 3.36 30.07 -15.99
CA GLU A 86 3.41 31.14 -16.97
C GLU A 86 2.70 30.75 -18.26
N ASN A 87 3.14 29.63 -18.82
CA ASN A 87 2.51 29.01 -19.99
C ASN A 87 3.05 27.59 -20.09
N PHE A 88 2.40 26.79 -20.95
CA PHE A 88 2.85 25.44 -21.25
C PHE A 88 3.19 25.31 -22.74
N ILE A 89 3.82 26.33 -23.32
CA ILE A 89 4.18 26.28 -24.76
C ILE A 89 5.17 25.15 -25.07
N LEU A 90 6.23 25.06 -24.28
CA LEU A 90 7.29 24.07 -24.55
C LEU A 90 7.01 22.72 -23.88
N LYS A 91 7.45 21.64 -24.52
CA LYS A 91 7.13 20.30 -24.09
C LYS A 91 8.36 19.60 -23.54
N HIS A 92 8.11 18.49 -22.88
CA HIS A 92 9.15 17.64 -22.33
C HIS A 92 9.61 16.67 -23.44
N THR A 93 10.40 17.19 -24.38
CA THR A 93 10.71 16.49 -25.63
C THR A 93 11.75 15.39 -25.50
N GLY A 94 12.55 15.44 -24.43
CA GLY A 94 13.69 14.52 -24.30
C GLY A 94 14.66 14.89 -23.18
N PRO A 95 15.81 14.16 -23.08
CA PRO A 95 16.85 14.42 -22.11
C PRO A 95 17.35 15.87 -22.16
N GLY A 96 17.57 16.46 -21.00
CA GLY A 96 18.11 17.80 -20.90
C GLY A 96 17.06 18.85 -20.61
N ILE A 97 15.79 18.57 -20.87
CA ILE A 97 14.72 19.52 -20.58
C ILE A 97 14.78 19.97 -19.11
N LEU A 98 14.74 21.28 -18.92
CA LEU A 98 14.70 21.87 -17.59
C LEU A 98 13.26 22.39 -17.37
N SER A 99 12.66 21.96 -16.27
CA SER A 99 11.24 22.21 -16.01
C SER A 99 11.01 22.48 -14.53
N MET A 100 9.92 23.16 -14.21
CA MET A 100 9.63 23.53 -12.84
C MET A 100 8.93 22.39 -12.12
N ALA A 101 9.46 22.05 -10.94
CA ALA A 101 8.77 21.15 -10.03
C ALA A 101 7.53 21.89 -9.49
N ASN A 102 6.49 21.16 -9.13
CA ASN A 102 5.38 21.81 -8.44
C ASN A 102 4.65 20.83 -7.58
N ALA A 103 3.70 21.36 -6.82
CA ALA A 103 2.76 20.56 -6.06
C ALA A 103 1.37 20.83 -6.57
N GLY A 104 1.19 20.84 -7.88
CA GLY A 104 -0.11 21.18 -8.48
C GLY A 104 -0.07 22.55 -9.16
N PRO A 105 -1.20 22.97 -9.73
CA PRO A 105 -1.26 24.24 -10.48
C PRO A 105 -0.81 25.49 -9.70
N ASN A 106 -0.06 26.38 -10.37
CA ASN A 106 0.36 27.67 -9.80
C ASN A 106 1.01 27.56 -8.43
N THR A 107 1.92 26.59 -8.29
CA THR A 107 2.67 26.38 -7.07
C THR A 107 4.19 26.34 -7.34
N ASN A 108 4.64 27.04 -8.38
CA ASN A 108 6.06 27.07 -8.69
C ASN A 108 6.81 27.92 -7.68
N GLY A 109 7.94 27.42 -7.21
CA GLY A 109 8.82 28.14 -6.28
C GLY A 109 10.24 28.18 -6.82
N SER A 110 11.12 27.42 -6.18
CA SER A 110 12.52 27.30 -6.63
C SER A 110 12.87 25.94 -7.21
N GLN A 111 12.15 24.89 -6.82
CA GLN A 111 12.53 23.55 -7.24
C GLN A 111 12.30 23.35 -8.74
N PHE A 112 13.19 22.59 -9.35
CA PHE A 112 13.16 22.29 -10.78
C PHE A 112 13.58 20.84 -10.99
N PHE A 113 13.47 20.35 -12.22
CA PHE A 113 14.03 19.04 -12.54
C PHE A 113 14.62 19.02 -13.95
N ILE A 114 15.56 18.10 -14.15
CA ILE A 114 16.21 17.90 -15.43
C ILE A 114 15.77 16.53 -15.88
N CYS A 115 15.13 16.46 -17.04
CA CYS A 115 14.69 15.19 -17.61
C CYS A 115 15.89 14.42 -18.11
N THR A 116 15.87 13.12 -17.96
CA THR A 116 16.88 12.27 -18.58
C THR A 116 16.19 11.31 -19.51
N ALA A 117 14.96 11.65 -19.92
CA ALA A 117 14.19 10.94 -20.95
C ALA A 117 13.07 11.87 -21.37
N LYS A 118 12.33 11.47 -22.39
CA LYS A 118 11.09 12.15 -22.78
C LYS A 118 10.00 11.84 -21.74
N THR A 119 9.30 12.87 -21.26
CA THR A 119 8.31 12.70 -20.19
C THR A 119 7.05 13.43 -20.61
N GLU A 120 6.46 12.89 -21.66
CA GLU A 120 5.31 13.46 -22.35
C GLU A 120 4.08 13.64 -21.44
N TRP A 121 3.96 12.78 -20.44
CA TRP A 121 2.88 12.83 -19.46
C TRP A 121 2.93 14.03 -18.51
N LEU A 122 4.05 14.74 -18.49
CA LEU A 122 4.17 15.97 -17.72
C LEU A 122 3.80 17.24 -18.54
N ASP A 123 3.60 17.12 -19.85
CA ASP A 123 3.30 18.27 -20.72
C ASP A 123 2.01 18.92 -20.28
N GLY A 124 2.00 20.24 -20.18
CA GLY A 124 0.80 20.93 -19.67
C GLY A 124 0.61 20.84 -18.16
N LYS A 125 1.52 20.17 -17.45
CA LYS A 125 1.45 20.13 -15.97
C LYS A 125 2.65 20.82 -15.30
N HIS A 126 3.81 20.78 -15.94
CA HIS A 126 5.01 21.48 -15.47
C HIS A 126 5.52 22.42 -16.54
N VAL A 127 5.91 23.62 -16.13
CA VAL A 127 6.37 24.67 -17.06
C VAL A 127 7.82 24.36 -17.48
N VAL A 128 8.01 24.06 -18.76
CA VAL A 128 9.34 23.83 -19.35
C VAL A 128 9.91 25.22 -19.65
N PHE A 129 11.13 25.48 -19.20
CA PHE A 129 11.74 26.80 -19.36
C PHE A 129 13.20 26.77 -19.76
N GLY A 130 13.79 25.61 -19.97
CA GLY A 130 15.18 25.61 -20.45
C GLY A 130 15.62 24.26 -20.88
N LYS A 131 16.91 24.16 -21.15
CA LYS A 131 17.50 22.92 -21.59
C LYS A 131 19.02 22.90 -21.39
N VAL A 132 19.53 21.74 -20.97
CA VAL A 132 20.96 21.50 -20.86
C VAL A 132 21.70 21.75 -22.17
N LYS A 133 22.76 22.55 -22.10
CA LYS A 133 23.64 22.78 -23.24
C LYS A 133 24.82 21.86 -23.06
N GLU A 134 25.68 22.11 -22.08
CA GLU A 134 26.85 21.27 -21.83
C GLU A 134 26.66 20.46 -20.56
N GLY A 135 27.42 19.38 -20.48
CA GLY A 135 27.45 18.55 -19.29
C GLY A 135 26.24 17.64 -19.11
N MET A 136 25.58 17.22 -20.20
CA MET A 136 24.57 16.19 -20.08
C MET A 136 25.22 14.90 -19.59
N ASN A 137 26.50 14.73 -19.88
CA ASN A 137 27.24 13.61 -19.29
C ASN A 137 27.31 13.72 -17.76
N ILE A 138 27.33 14.94 -17.23
CA ILE A 138 27.42 15.13 -15.79
C ILE A 138 26.07 14.79 -15.12
N VAL A 139 24.96 15.10 -15.81
CA VAL A 139 23.61 14.74 -15.36
C VAL A 139 23.44 13.23 -15.29
N GLU A 140 23.88 12.54 -16.34
CA GLU A 140 23.87 11.09 -16.40
C GLU A 140 24.72 10.49 -15.28
N ALA A 141 25.84 11.13 -14.95
CA ALA A 141 26.71 10.60 -13.92
C ALA A 141 26.03 10.74 -12.57
N MET A 142 25.22 11.78 -12.39
CA MET A 142 24.43 11.94 -11.15
C MET A 142 23.50 10.74 -10.90
N GLU A 143 22.92 10.20 -11.96
CA GLU A 143 21.94 9.11 -11.87
C GLU A 143 22.48 7.91 -11.10
N ARG A 144 23.79 7.70 -11.18
CA ARG A 144 24.39 6.57 -10.49
C ARG A 144 24.05 6.62 -9.02
N PHE A 145 23.84 7.83 -8.50
CA PHE A 145 23.58 8.02 -7.07
C PHE A 145 22.09 8.08 -6.70
N GLY A 146 21.22 7.89 -7.68
CA GLY A 146 19.78 7.85 -7.45
C GLY A 146 19.25 6.43 -7.26
N SER A 147 17.94 6.29 -7.23
CA SER A 147 17.30 4.98 -7.11
C SER A 147 15.90 5.08 -7.68
N ARG A 148 15.22 3.92 -7.78
CA ARG A 148 13.88 3.86 -8.34
C ARG A 148 12.89 4.67 -7.51
N ASN A 149 13.14 4.81 -6.21
CA ASN A 149 12.29 5.61 -5.31
C ASN A 149 12.71 7.10 -5.23
N GLY A 150 13.90 7.42 -5.73
CA GLY A 150 14.40 8.80 -5.73
C GLY A 150 15.50 9.13 -4.73
N LYS A 151 15.59 8.36 -3.63
CA LYS A 151 16.59 8.61 -2.58
C LYS A 151 17.98 8.58 -3.17
N THR A 152 18.81 9.52 -2.73
CA THR A 152 20.21 9.53 -3.11
C THR A 152 21.04 8.80 -2.05
N SER A 153 22.08 8.09 -2.50
CA SER A 153 22.96 7.33 -1.61
C SER A 153 24.19 8.17 -1.28
N LYS A 154 24.41 9.26 -1.99
CA LYS A 154 25.38 10.25 -1.59
C LYS A 154 24.80 11.66 -1.73
N LYS A 155 25.45 12.63 -1.12
CA LYS A 155 24.95 14.00 -1.16
C LYS A 155 25.42 14.69 -2.44
N ILE A 156 24.48 14.95 -3.33
CA ILE A 156 24.72 15.60 -4.61
C ILE A 156 24.35 17.07 -4.45
N THR A 157 25.34 17.96 -4.50
CA THR A 157 25.14 19.40 -4.29
C THR A 157 25.49 20.32 -5.49
N ILE A 158 24.89 21.51 -5.51
CA ILE A 158 25.30 22.60 -6.37
C ILE A 158 26.40 23.37 -5.60
N ALA A 159 27.66 22.97 -5.83
CA ALA A 159 28.81 23.52 -5.11
C ALA A 159 29.00 24.98 -5.53
N ASP A 160 28.68 25.28 -6.78
CA ASP A 160 28.75 26.66 -7.29
C ASP A 160 27.77 26.80 -8.42
N CYS A 161 27.32 28.02 -8.66
CA CYS A 161 26.46 28.31 -9.80
C CYS A 161 26.48 29.80 -10.16
N GLY A 162 25.95 30.12 -11.33
CA GLY A 162 25.92 31.50 -11.80
C GLY A 162 25.55 31.64 -13.26
N GLN A 163 25.73 32.84 -13.79
CA GLN A 163 25.37 33.14 -15.16
C GLN A 163 26.64 33.24 -16.04
N LEU A 164 26.62 32.64 -17.23
CA LEU A 164 27.77 32.68 -18.13
C LEU A 164 27.60 33.79 -19.15
N GLU A 165 26.37 33.89 -19.66
CA GLU A 165 25.93 34.92 -20.58
C GLU A 165 24.48 35.28 -20.21
N VAL B 2 -6.07 -47.78 0.98
CA VAL B 2 -5.93 -47.56 -0.49
C VAL B 2 -5.92 -46.07 -0.88
N ASN B 3 -4.76 -45.54 -1.31
CA ASN B 3 -4.69 -44.14 -1.74
C ASN B 3 -5.70 -43.92 -2.84
N PRO B 4 -6.54 -42.88 -2.69
CA PRO B 4 -7.58 -42.67 -3.68
C PRO B 4 -7.06 -42.12 -5.03
N THR B 5 -7.81 -42.42 -6.08
CA THR B 5 -7.58 -41.91 -7.41
C THR B 5 -8.80 -41.07 -7.81
N VAL B 6 -8.54 -39.85 -8.22
CA VAL B 6 -9.56 -38.93 -8.63
C VAL B 6 -9.26 -38.44 -10.07
N PHE B 7 -10.32 -38.16 -10.83
CA PHE B 7 -10.14 -37.69 -12.19
C PHE B 7 -10.82 -36.35 -12.41
N PHE B 8 -10.27 -35.57 -13.32
CA PHE B 8 -10.91 -34.36 -13.81
C PHE B 8 -10.98 -34.50 -15.31
N ASP B 9 -12.18 -34.31 -15.86
CA ASP B 9 -12.34 -34.12 -17.29
C ASP B 9 -12.32 -32.62 -17.54
N ILE B 10 -11.31 -32.18 -18.28
CA ILE B 10 -11.04 -30.77 -18.48
C ILE B 10 -11.69 -30.34 -19.76
N ALA B 11 -12.27 -29.15 -19.73
CA ALA B 11 -12.86 -28.55 -20.93
C ALA B 11 -12.26 -27.17 -21.14
N VAL B 12 -12.20 -26.76 -22.41
CA VAL B 12 -11.69 -25.48 -22.84
C VAL B 12 -12.81 -24.78 -23.63
N ASP B 13 -13.21 -23.61 -23.16
CA ASP B 13 -14.46 -22.96 -23.56
C ASP B 13 -15.56 -23.99 -23.80
N GLY B 14 -15.72 -24.91 -22.87
CA GLY B 14 -16.72 -25.95 -23.02
C GLY B 14 -16.39 -27.13 -23.93
N GLU B 15 -15.36 -27.05 -24.77
CA GLU B 15 -14.96 -28.22 -25.60
C GLU B 15 -14.08 -29.18 -24.78
N PRO B 16 -14.37 -30.50 -24.83
CA PRO B 16 -13.56 -31.40 -23.99
C PRO B 16 -12.11 -31.49 -24.45
N LEU B 17 -11.17 -31.35 -23.50
CA LEU B 17 -9.73 -31.41 -23.78
C LEU B 17 -9.18 -32.82 -23.48
N GLY B 18 -9.52 -33.37 -22.32
CA GLY B 18 -8.94 -34.63 -21.90
C GLY B 18 -9.08 -34.80 -20.40
N ARG B 19 -8.55 -35.90 -19.90
CA ARG B 19 -8.70 -36.27 -18.51
C ARG B 19 -7.35 -36.30 -17.79
N VAL B 20 -7.33 -35.78 -16.57
CA VAL B 20 -6.19 -35.90 -15.70
C VAL B 20 -6.60 -36.71 -14.49
N SER B 21 -5.81 -37.72 -14.13
CA SER B 21 -6.07 -38.48 -12.92
C SER B 21 -4.96 -38.25 -11.91
N PHE B 22 -5.31 -38.27 -10.64
CA PHE B 22 -4.39 -37.99 -9.55
C PHE B 22 -4.44 -39.09 -8.54
N GLU B 23 -3.28 -39.44 -7.97
CA GLU B 23 -3.21 -40.26 -6.77
C GLU B 23 -3.17 -39.28 -5.59
N LEU B 24 -4.02 -39.49 -4.58
CA LEU B 24 -3.99 -38.70 -3.35
C LEU B 24 -3.24 -39.47 -2.25
N PHE B 25 -2.22 -38.85 -1.64
CA PHE B 25 -1.36 -39.57 -0.69
C PHE B 25 -1.98 -39.57 0.71
N ALA B 26 -3.12 -40.26 0.80
CA ALA B 26 -3.90 -40.33 2.02
C ALA B 26 -3.09 -40.95 3.15
N ASP B 27 -2.17 -41.86 2.78
CA ASP B 27 -1.24 -42.46 3.74
C ASP B 27 -0.33 -41.46 4.48
N LYS B 28 -0.02 -40.34 3.87
CA LYS B 28 0.84 -39.34 4.51
C LYS B 28 0.10 -38.08 4.90
N VAL B 29 -0.96 -37.73 4.20
CA VAL B 29 -1.73 -36.51 4.48
C VAL B 29 -3.22 -36.81 4.40
N PRO B 30 -3.73 -37.61 5.35
CA PRO B 30 -5.09 -38.13 5.21
C PRO B 30 -6.20 -37.06 5.20
N LYS B 31 -6.09 -36.07 6.07
CA LYS B 31 -7.08 -34.99 6.16
C LYS B 31 -7.12 -34.13 4.88
N THR B 32 -5.95 -33.79 4.37
CA THR B 32 -5.84 -32.99 3.18
C THR B 32 -6.24 -33.80 1.95
N ALA B 33 -5.83 -35.06 1.89
CA ALA B 33 -6.31 -35.92 0.81
C ALA B 33 -7.84 -36.07 0.86
N GLU B 34 -8.42 -36.19 2.05
CA GLU B 34 -9.90 -36.42 2.13
C GLU B 34 -10.68 -35.22 1.62
N ASN B 35 -10.17 -34.02 1.90
CA ASN B 35 -10.83 -32.79 1.46
C ASN B 35 -10.91 -32.77 -0.06
N PHE B 36 -9.81 -33.10 -0.72
CA PHE B 36 -9.74 -33.07 -2.19
C PHE B 36 -10.64 -34.11 -2.77
N ARG B 37 -10.62 -35.30 -2.18
CA ARG B 37 -11.39 -36.41 -2.65
C ARG B 37 -12.88 -36.08 -2.55
N ALA B 38 -13.34 -35.71 -1.35
CA ALA B 38 -14.74 -35.31 -1.13
C ALA B 38 -15.20 -34.16 -2.07
N LEU B 39 -14.34 -33.17 -2.29
CA LEU B 39 -14.68 -32.08 -3.19
C LEU B 39 -14.76 -32.54 -4.67
N SER B 40 -13.99 -33.57 -5.04
CA SER B 40 -13.99 -34.07 -6.41
C SER B 40 -15.22 -34.92 -6.70
N THR B 41 -15.74 -35.59 -5.68
CA THR B 41 -16.94 -36.40 -5.81
C THR B 41 -18.20 -35.56 -5.64
N GLY B 42 -18.09 -34.41 -4.99
CA GLY B 42 -19.26 -33.55 -4.70
C GLY B 42 -20.22 -34.08 -3.64
N GLU B 43 -19.78 -35.06 -2.86
CA GLU B 43 -20.65 -35.74 -1.91
C GLU B 43 -21.04 -34.91 -0.71
N LYS B 44 -20.39 -33.76 -0.46
CA LYS B 44 -20.91 -32.88 0.58
C LYS B 44 -21.96 -31.87 0.03
N GLY B 45 -22.32 -31.96 -1.25
CA GLY B 45 -23.24 -31.00 -1.86
C GLY B 45 -22.56 -29.77 -2.45
N PHE B 46 -21.23 -29.78 -2.50
CA PHE B 46 -20.45 -28.75 -3.21
C PHE B 46 -19.15 -29.38 -3.60
N GLY B 47 -18.47 -28.80 -4.57
CA GLY B 47 -17.20 -29.36 -4.97
C GLY B 47 -16.73 -28.76 -6.27
N TYR B 48 -15.78 -29.43 -6.89
CA TYR B 48 -15.00 -28.84 -7.95
C TYR B 48 -15.72 -28.82 -9.30
N LYS B 49 -16.79 -29.61 -9.45
CA LYS B 49 -17.36 -29.81 -10.77
C LYS B 49 -17.88 -28.48 -11.28
N GLY B 50 -17.49 -28.12 -12.50
CA GLY B 50 -17.88 -26.84 -13.09
C GLY B 50 -16.95 -25.70 -12.74
N SER B 51 -16.01 -25.89 -11.82
CA SER B 51 -15.08 -24.80 -11.50
C SER B 51 -13.96 -24.65 -12.54
N CYS B 52 -13.24 -23.53 -12.48
CA CYS B 52 -12.31 -23.16 -13.52
C CYS B 52 -10.88 -23.19 -12.96
N PHE B 53 -9.87 -23.31 -13.83
CA PHE B 53 -8.48 -23.05 -13.43
C PHE B 53 -8.27 -21.59 -13.74
N HIS B 54 -8.27 -20.75 -12.71
CA HIS B 54 -8.28 -19.31 -12.93
C HIS B 54 -6.88 -18.74 -13.13
N ARG B 55 -5.86 -19.50 -12.74
CA ARG B 55 -4.47 -18.99 -12.70
C ARG B 55 -3.51 -20.05 -13.24
N ILE B 56 -3.06 -19.84 -14.47
CA ILE B 56 -2.11 -20.72 -15.13
C ILE B 56 -0.84 -19.95 -15.53
N ILE B 57 0.25 -20.23 -14.82
CA ILE B 57 1.55 -19.58 -15.07
C ILE B 57 2.47 -20.63 -15.68
N PRO B 58 2.69 -20.56 -17.02
CA PRO B 58 3.51 -21.57 -17.66
C PRO B 58 4.90 -21.57 -17.11
N GLY B 59 5.45 -22.77 -16.91
CA GLY B 59 6.76 -22.94 -16.32
C GLY B 59 6.72 -22.92 -14.81
N PHE B 60 5.53 -22.97 -14.23
CA PHE B 60 5.40 -22.83 -12.79
C PHE B 60 4.31 -23.79 -12.31
N MET B 61 3.05 -23.41 -12.49
CA MET B 61 1.91 -24.21 -11.98
C MET B 61 0.57 -23.83 -12.59
N CYS B 62 -0.38 -24.76 -12.48
CA CYS B 62 -1.78 -24.50 -12.81
C CYS B 62 -2.65 -24.54 -11.54
N GLN B 63 -3.44 -23.50 -11.30
CA GLN B 63 -4.20 -23.39 -10.06
C GLN B 63 -5.70 -23.26 -10.31
N GLY B 64 -6.47 -24.05 -9.58
CA GLY B 64 -7.90 -23.84 -9.52
C GLY B 64 -8.57 -24.32 -8.24
N GLY B 65 -9.86 -24.62 -8.35
CA GLY B 65 -10.66 -25.20 -7.27
C GLY B 65 -11.42 -24.15 -6.50
N ASN B 66 -11.52 -22.95 -7.05
CA ASN B 66 -12.41 -21.96 -6.47
C ASN B 66 -13.79 -22.17 -7.09
N PHE B 67 -14.66 -22.87 -6.36
CA PHE B 67 -15.99 -23.16 -6.89
C PHE B 67 -17.00 -22.06 -6.59
N THR B 68 -16.59 -21.00 -5.89
CA THR B 68 -17.50 -19.86 -5.71
C THR B 68 -17.35 -18.87 -6.88
N HIS B 69 -16.12 -18.69 -7.39
CA HIS B 69 -15.88 -17.80 -8.55
C HIS B 69 -14.59 -18.13 -9.32
N CYS B 70 -14.47 -17.65 -10.55
CA CYS B 70 -13.27 -17.85 -11.37
C CYS B 70 -12.18 -16.82 -11.03
N ASN B 71 -11.59 -16.98 -9.86
CA ASN B 71 -10.49 -16.13 -9.39
C ASN B 71 -9.88 -16.76 -8.15
N GLY B 72 -8.92 -16.09 -7.51
CA GLY B 72 -8.24 -16.72 -6.36
C GLY B 72 -8.76 -16.40 -4.98
N THR B 73 -9.99 -15.89 -4.89
CA THR B 73 -10.58 -15.53 -3.62
C THR B 73 -11.91 -16.25 -3.47
N GLY B 74 -11.89 -17.35 -2.74
CA GLY B 74 -13.11 -18.08 -2.50
C GLY B 74 -12.89 -19.56 -2.35
N GLY B 75 -13.97 -20.25 -2.01
CA GLY B 75 -13.96 -21.69 -1.82
C GLY B 75 -13.85 -21.97 -0.35
N LYS B 76 -14.15 -23.20 0.04
CA LYS B 76 -14.01 -23.63 1.41
C LYS B 76 -13.75 -25.11 1.37
N SER B 77 -13.18 -25.63 2.46
CA SER B 77 -12.98 -27.07 2.60
C SER B 77 -14.23 -27.72 3.19
N ILE B 78 -14.19 -29.05 3.29
CA ILE B 78 -15.24 -29.81 3.96
C ILE B 78 -15.16 -29.69 5.49
N TYR B 79 -14.12 -29.03 6.00
CA TYR B 79 -13.93 -28.89 7.42
C TYR B 79 -14.39 -27.51 7.93
N GLY B 80 -14.66 -26.59 7.01
CA GLY B 80 -14.79 -25.18 7.34
C GLY B 80 -14.10 -24.32 6.30
N GLU B 81 -14.20 -23.01 6.45
CA GLU B 81 -13.66 -22.08 5.44
C GLU B 81 -12.14 -22.25 5.28
N LYS B 82 -11.46 -22.56 6.38
CA LYS B 82 -10.02 -22.80 6.34
C LYS B 82 -9.65 -23.93 7.28
N PHE B 83 -8.60 -24.68 6.95
CA PHE B 83 -8.07 -25.67 7.88
C PHE B 83 -6.56 -25.63 7.92
N GLU B 84 -6.01 -26.18 9.01
CA GLU B 84 -4.60 -26.09 9.29
C GLU B 84 -3.75 -26.80 8.27
N ASP B 85 -2.48 -26.42 8.17
CA ASP B 85 -1.52 -27.12 7.33
C ASP B 85 -1.22 -28.43 8.05
N GLU B 86 -1.53 -29.55 7.43
CA GLU B 86 -1.51 -30.84 8.13
C GLU B 86 -0.07 -31.28 8.48
N ASN B 87 0.78 -31.25 7.46
CA ASN B 87 2.21 -31.46 7.63
C ASN B 87 2.91 -31.05 6.35
N PHE B 88 4.22 -30.95 6.40
CA PHE B 88 4.99 -30.68 5.18
C PHE B 88 5.97 -31.82 4.88
N ILE B 89 5.55 -33.05 5.12
CA ILE B 89 6.42 -34.22 4.85
C ILE B 89 6.77 -34.36 3.36
N LEU B 90 5.79 -34.15 2.48
CA LEU B 90 6.01 -34.31 1.02
C LEU B 90 6.53 -33.02 0.35
N LYS B 91 7.44 -33.18 -0.60
CA LYS B 91 8.11 -32.05 -1.25
C LYS B 91 7.60 -31.80 -2.67
N HIS B 92 7.84 -30.58 -3.14
CA HIS B 92 7.52 -30.20 -4.52
C HIS B 92 8.67 -30.62 -5.42
N THR B 93 8.66 -31.89 -5.80
CA THR B 93 9.78 -32.48 -6.49
C THR B 93 9.79 -32.28 -7.99
N GLY B 94 8.66 -31.93 -8.58
CA GLY B 94 8.66 -31.73 -10.03
C GLY B 94 7.29 -31.67 -10.65
N PRO B 95 7.22 -31.66 -11.98
CA PRO B 95 5.96 -31.60 -12.70
C PRO B 95 4.94 -32.63 -12.20
N GLY B 96 3.68 -32.26 -12.10
CA GLY B 96 2.61 -33.17 -11.65
C GLY B 96 2.30 -33.23 -10.16
N ILE B 97 3.15 -32.65 -9.31
CA ILE B 97 2.86 -32.59 -7.87
C ILE B 97 1.59 -31.78 -7.66
N LEU B 98 0.73 -32.28 -6.76
CA LEU B 98 -0.53 -31.66 -6.42
C LEU B 98 -0.41 -31.14 -4.99
N SER B 99 -0.72 -29.85 -4.80
CA SER B 99 -0.43 -29.16 -3.54
C SER B 99 -1.50 -28.13 -3.29
N MET B 100 -1.67 -27.72 -2.02
CA MET B 100 -2.75 -26.83 -1.65
C MET B 100 -2.37 -25.38 -1.83
N ALA B 101 -3.22 -24.63 -2.53
CA ALA B 101 -3.10 -23.19 -2.61
C ALA B 101 -3.42 -22.61 -1.21
N ASN B 102 -2.91 -21.45 -0.91
CA ASN B 102 -3.21 -20.86 0.39
C ASN B 102 -2.88 -19.37 0.39
N ALA B 103 -3.28 -18.70 1.46
CA ALA B 103 -3.11 -17.26 1.63
C ALA B 103 -2.16 -16.98 2.81
N GLY B 104 -1.31 -17.96 3.13
CA GLY B 104 -0.47 -17.91 4.34
C GLY B 104 -0.70 -19.14 5.21
N PRO B 105 -0.12 -19.17 6.42
CA PRO B 105 -0.29 -20.32 7.31
C PRO B 105 -1.75 -20.65 7.63
N ASN B 106 -2.07 -21.94 7.56
CA ASN B 106 -3.36 -22.44 8.04
C ASN B 106 -4.57 -21.76 7.40
N THR B 107 -4.50 -21.56 6.08
CA THR B 107 -5.62 -21.01 5.33
C THR B 107 -6.05 -21.96 4.22
N ASN B 108 -5.72 -23.22 4.33
CA ASN B 108 -6.18 -24.17 3.34
C ASN B 108 -7.69 -24.13 3.17
N GLY B 109 -8.15 -24.13 1.91
CA GLY B 109 -9.58 -24.17 1.57
C GLY B 109 -9.89 -25.24 0.55
N SER B 110 -10.35 -24.82 -0.63
CA SER B 110 -10.62 -25.72 -1.74
C SER B 110 -9.57 -25.60 -2.85
N GLN B 111 -8.94 -24.43 -2.97
CA GLN B 111 -7.99 -24.20 -4.02
C GLN B 111 -6.73 -25.08 -3.94
N PHE B 112 -6.25 -25.52 -5.10
CA PHE B 112 -5.08 -26.37 -5.23
C PHE B 112 -4.31 -25.93 -6.46
N PHE B 113 -3.09 -26.47 -6.61
CA PHE B 113 -2.33 -26.27 -7.81
C PHE B 113 -1.57 -27.51 -8.24
N ILE B 114 -1.32 -27.59 -9.54
CA ILE B 114 -0.59 -28.67 -10.11
C ILE B 114 0.72 -28.07 -10.64
N CYS B 115 1.84 -28.56 -10.15
CA CYS B 115 3.14 -28.08 -10.58
C CYS B 115 3.38 -28.52 -11.99
N THR B 116 3.97 -27.60 -12.76
CA THR B 116 4.51 -27.99 -14.05
C THR B 116 6.03 -27.91 -14.09
N ALA B 117 6.67 -27.62 -12.95
CA ALA B 117 8.12 -27.64 -12.81
C ALA B 117 8.39 -28.06 -11.37
N LYS B 118 9.64 -28.24 -11.01
CA LYS B 118 10.04 -28.40 -9.62
C LYS B 118 9.92 -27.05 -8.94
N THR B 119 9.19 -26.96 -7.81
CA THR B 119 8.96 -25.67 -7.14
C THR B 119 9.35 -25.78 -5.66
N GLU B 120 10.64 -26.00 -5.45
CA GLU B 120 11.16 -26.32 -4.13
C GLU B 120 11.05 -25.20 -3.08
N TRP B 121 11.10 -23.93 -3.52
CA TRP B 121 10.85 -22.79 -2.65
C TRP B 121 9.46 -22.81 -2.02
N LEU B 122 8.53 -23.60 -2.56
CA LEU B 122 7.24 -23.74 -1.90
C LEU B 122 7.27 -24.75 -0.75
N ASP B 123 8.40 -25.48 -0.60
CA ASP B 123 8.49 -26.50 0.43
C ASP B 123 8.37 -25.85 1.81
N GLY B 124 7.58 -26.45 2.68
CA GLY B 124 7.36 -25.91 4.01
C GLY B 124 6.32 -24.79 4.04
N LYS B 125 5.78 -24.42 2.87
CA LYS B 125 4.76 -23.36 2.79
C LYS B 125 3.41 -23.86 2.30
N HIS B 126 3.42 -24.79 1.35
CA HIS B 126 2.20 -25.35 0.82
C HIS B 126 2.23 -26.83 1.03
N VAL B 127 1.10 -27.40 1.48
CA VAL B 127 0.98 -28.83 1.76
C VAL B 127 0.78 -29.66 0.50
N VAL B 128 1.79 -30.47 0.18
CA VAL B 128 1.71 -31.43 -0.92
C VAL B 128 0.87 -32.63 -0.48
N PHE B 129 -0.02 -33.12 -1.34
CA PHE B 129 -0.91 -34.21 -0.95
C PHE B 129 -1.25 -35.20 -2.06
N GLY B 130 -0.71 -34.98 -3.25
CA GLY B 130 -0.92 -35.89 -4.38
C GLY B 130 0.01 -35.62 -5.54
N LYS B 131 -0.23 -36.37 -6.62
CA LYS B 131 0.58 -36.30 -7.84
C LYS B 131 -0.26 -36.77 -9.04
N VAL B 132 -0.02 -36.17 -10.21
CA VAL B 132 -0.67 -36.63 -11.44
C VAL B 132 -0.25 -38.07 -11.73
N LYS B 133 -1.23 -38.92 -12.00
CA LYS B 133 -1.03 -40.33 -12.31
C LYS B 133 -1.01 -40.54 -13.86
N GLU B 134 -2.02 -40.04 -14.55
CA GLU B 134 -2.17 -40.13 -16.01
C GLU B 134 -2.65 -38.76 -16.48
N GLY B 135 -2.34 -38.42 -17.71
CA GLY B 135 -2.83 -37.19 -18.30
C GLY B 135 -1.96 -35.97 -18.02
N MET B 136 -0.68 -36.18 -17.76
CA MET B 136 0.22 -35.03 -17.65
C MET B 136 0.22 -34.28 -19.00
N ASN B 137 0.00 -34.99 -20.11
CA ASN B 137 -0.09 -34.31 -21.42
C ASN B 137 -1.24 -33.30 -21.45
N ILE B 138 -2.32 -33.57 -20.70
CA ILE B 138 -3.47 -32.68 -20.63
C ILE B 138 -3.17 -31.43 -19.77
N VAL B 139 -2.47 -31.60 -18.65
CA VAL B 139 -1.98 -30.47 -17.86
C VAL B 139 -1.04 -29.58 -18.70
N GLU B 140 -0.21 -30.18 -19.56
CA GLU B 140 0.64 -29.39 -20.48
C GLU B 140 -0.21 -28.62 -21.49
N ALA B 141 -1.22 -29.29 -22.05
CA ALA B 141 -2.15 -28.62 -22.97
C ALA B 141 -2.80 -27.38 -22.29
N MET B 142 -3.18 -27.50 -21.02
CA MET B 142 -3.79 -26.37 -20.28
C MET B 142 -2.81 -25.21 -20.12
N GLU B 143 -1.56 -25.55 -19.84
CA GLU B 143 -0.46 -24.59 -19.70
C GLU B 143 -0.32 -23.67 -20.92
N ARG B 144 -0.65 -24.18 -22.10
CA ARG B 144 -0.54 -23.37 -23.32
C ARG B 144 -1.54 -22.23 -23.38
N PHE B 145 -2.56 -22.29 -22.54
CA PHE B 145 -3.54 -21.21 -22.44
C PHE B 145 -3.15 -20.19 -21.36
N GLY B 146 -2.05 -20.45 -20.64
CA GLY B 146 -1.64 -19.58 -19.55
C GLY B 146 -0.91 -18.34 -19.99
N SER B 147 -0.44 -17.58 -19.01
CA SER B 147 0.38 -16.40 -19.25
C SER B 147 1.20 -16.06 -18.00
N ARG B 148 2.05 -15.05 -18.11
CA ARG B 148 2.96 -14.64 -17.03
C ARG B 148 2.28 -14.28 -15.70
N ASN B 149 1.14 -13.58 -15.79
CA ASN B 149 0.33 -13.20 -14.64
C ASN B 149 -0.75 -14.21 -14.30
N GLY B 150 -0.91 -15.27 -15.10
CA GLY B 150 -1.80 -16.36 -14.74
C GLY B 150 -3.12 -16.34 -15.48
N LYS B 151 -3.43 -15.21 -16.10
CA LYS B 151 -4.65 -15.06 -16.85
C LYS B 151 -4.63 -16.05 -18.00
N THR B 152 -5.76 -16.73 -18.23
CA THR B 152 -5.91 -17.70 -19.28
C THR B 152 -6.63 -17.05 -20.45
N SER B 153 -6.33 -17.48 -21.69
CA SER B 153 -6.95 -16.90 -22.88
C SER B 153 -8.24 -17.62 -23.28
N LYS B 154 -8.51 -18.74 -22.64
CA LYS B 154 -9.81 -19.40 -22.75
C LYS B 154 -10.22 -19.90 -21.36
N LYS B 155 -11.52 -20.07 -21.17
CA LYS B 155 -12.01 -20.60 -19.90
C LYS B 155 -11.67 -22.09 -19.80
N ILE B 156 -10.80 -22.44 -18.84
CA ILE B 156 -10.37 -23.82 -18.62
C ILE B 156 -11.17 -24.33 -17.43
N THR B 157 -12.11 -25.23 -17.67
CA THR B 157 -12.98 -25.69 -16.59
C THR B 157 -12.83 -27.21 -16.29
N ILE B 158 -13.41 -27.63 -15.17
CA ILE B 158 -13.51 -29.03 -14.78
C ILE B 158 -14.93 -29.42 -15.12
N ALA B 159 -15.09 -30.01 -16.31
CA ALA B 159 -16.40 -30.41 -16.86
C ALA B 159 -17.02 -31.52 -16.03
N ASP B 160 -16.18 -32.39 -15.48
CA ASP B 160 -16.62 -33.47 -14.66
C ASP B 160 -15.45 -33.94 -13.82
N CYS B 161 -15.74 -34.61 -12.72
CA CYS B 161 -14.70 -35.07 -11.81
C CYS B 161 -15.31 -36.07 -10.88
N GLY B 162 -14.47 -36.85 -10.22
CA GLY B 162 -14.96 -37.95 -9.38
C GLY B 162 -13.84 -38.86 -8.95
N GLN B 163 -14.21 -39.96 -8.35
CA GLN B 163 -13.25 -40.91 -7.79
C GLN B 163 -13.30 -42.15 -8.65
N LEU B 164 -12.14 -42.65 -9.08
CA LEU B 164 -12.06 -43.94 -9.78
C LEU B 164 -11.86 -45.13 -8.83
N GLU B 165 -10.97 -44.98 -7.86
CA GLU B 165 -10.62 -46.09 -6.96
C GLU B 165 -10.32 -45.54 -5.56
N PRO C 2 -22.69 8.55 -1.01
CA PRO C 2 -21.56 7.63 -1.08
C PRO C 2 -21.15 7.28 -2.52
N ILE C 3 -20.06 6.53 -2.64
CA ILE C 3 -19.67 5.88 -3.90
C ILE C 3 -20.07 4.42 -3.76
N VAL C 4 -20.91 3.92 -4.65
CA VAL C 4 -21.25 2.48 -4.71
C VAL C 4 -20.85 1.89 -6.05
N VAL C 12 -19.83 4.14 -8.97
CA VAL C 12 -20.52 5.42 -9.15
C VAL C 12 -20.84 6.18 -7.82
N HIS C 13 -20.74 7.51 -7.87
CA HIS C 13 -21.15 8.36 -6.76
C HIS C 13 -22.65 8.60 -6.75
N GLN C 14 -23.23 8.68 -5.56
CA GLN C 14 -24.65 8.97 -5.38
C GLN C 14 -24.77 9.96 -4.24
N ALA C 15 -25.76 10.87 -4.29
CA ALA C 15 -25.98 11.78 -3.16
C ALA C 15 -26.36 10.96 -1.93
N ILE C 16 -25.94 11.44 -0.76
CA ILE C 16 -26.23 10.78 0.51
C ILE C 16 -27.75 10.68 0.63
N SER C 17 -28.24 9.51 1.04
CA SER C 17 -29.67 9.27 1.13
C SER C 17 -30.28 10.16 2.22
N PRO C 18 -31.38 10.88 1.93
CA PRO C 18 -32.00 11.75 2.95
C PRO C 18 -32.60 10.98 4.13
N ARG C 19 -33.09 9.77 3.89
CA ARG C 19 -33.62 8.93 4.96
C ARG C 19 -32.53 8.19 5.78
N THR C 20 -31.36 7.99 5.18
CA THR C 20 -30.20 7.53 5.92
C THR C 20 -29.69 8.67 6.81
N LEU C 21 -29.64 9.88 6.25
CA LEU C 21 -29.43 11.14 7.00
C LEU C 21 -30.36 11.28 8.19
N ASN C 22 -31.64 11.08 7.94
CA ASN C 22 -32.64 11.21 8.99
C ASN C 22 -32.54 10.11 10.06
N ALA C 23 -32.18 8.90 9.63
CA ALA C 23 -31.91 7.83 10.58
C ALA C 23 -30.77 8.23 11.50
N TRP C 24 -29.69 8.75 10.93
CA TRP C 24 -28.55 9.25 11.72
C TRP C 24 -28.97 10.35 12.72
N VAL C 25 -29.77 11.32 12.27
CA VAL C 25 -30.28 12.39 13.12
C VAL C 25 -31.01 11.83 14.35
N LYS C 26 -31.94 10.91 14.09
CA LYS C 26 -32.68 10.14 15.09
C LYS C 26 -31.80 9.43 16.12
N VAL C 27 -30.75 8.78 15.66
CA VAL C 27 -29.80 8.10 16.52
C VAL C 27 -29.14 9.07 17.51
N VAL C 28 -28.72 10.25 17.03
CA VAL C 28 -28.07 11.25 17.91
C VAL C 28 -29.05 11.87 18.90
N GLU C 29 -30.25 12.24 18.44
CA GLU C 29 -31.27 12.83 19.30
C GLU C 29 -31.64 11.93 20.48
N GLU C 30 -31.72 10.63 20.23
CA GLU C 30 -32.07 9.63 21.24
C GLU C 30 -30.92 9.14 22.11
N LYS C 31 -29.75 8.93 21.51
CA LYS C 31 -28.60 8.42 22.25
C LYS C 31 -27.55 9.49 22.55
N ALA C 32 -27.82 10.74 22.20
CA ALA C 32 -26.82 11.79 22.33
C ALA C 32 -25.48 11.22 21.87
N PHE C 33 -24.45 11.32 22.69
CA PHE C 33 -23.14 10.75 22.36
C PHE C 33 -22.73 9.65 23.37
N SER C 34 -23.72 8.85 23.77
CA SER C 34 -23.48 7.63 24.52
C SER C 34 -22.79 6.63 23.56
N PRO C 35 -22.24 5.53 24.09
CA PRO C 35 -21.45 4.56 23.32
C PRO C 35 -22.11 3.93 22.07
N GLU C 36 -23.44 3.82 22.10
CA GLU C 36 -24.24 3.19 21.04
C GLU C 36 -24.25 3.96 19.73
N VAL C 37 -23.90 5.26 19.76
CA VAL C 37 -23.84 6.06 18.56
C VAL C 37 -22.71 5.64 17.58
N ILE C 38 -21.63 5.05 18.09
CA ILE C 38 -20.45 4.82 17.26
C ILE C 38 -20.69 3.70 16.22
N PRO C 39 -21.18 2.52 16.66
CA PRO C 39 -21.65 1.49 15.74
C PRO C 39 -22.67 1.99 14.69
N MET C 40 -23.62 2.82 15.13
CA MET C 40 -24.63 3.34 14.23
C MET C 40 -23.96 4.25 13.22
N PHE C 41 -23.08 5.13 13.68
CA PHE C 41 -22.39 6.00 12.77
C PHE C 41 -21.69 5.17 11.71
N SER C 42 -20.98 4.17 12.18
CA SER C 42 -20.17 3.28 11.36
C SER C 42 -21.05 2.58 10.32
N ALA C 43 -22.12 1.95 10.80
CA ALA C 43 -23.07 1.27 9.92
C ALA C 43 -23.70 2.20 8.90
N LEU C 44 -24.00 3.44 9.28
CA LEU C 44 -24.76 4.33 8.42
C LEU C 44 -23.94 5.11 7.36
N SER C 45 -22.61 4.98 7.39
CA SER C 45 -21.72 5.78 6.54
C SER C 45 -20.84 4.91 5.65
N GLU C 46 -21.32 3.77 5.19
CA GLU C 46 -20.41 2.91 4.44
C GLU C 46 -20.27 3.39 2.97
N GLY C 47 -19.01 3.46 2.52
CA GLY C 47 -18.70 4.02 1.20
C GLY C 47 -18.75 5.54 1.15
N ALA C 48 -18.82 6.19 2.31
CA ALA C 48 -19.00 7.64 2.39
C ALA C 48 -17.75 8.36 1.87
N THR C 49 -17.99 9.47 1.18
CA THR C 49 -16.95 10.43 0.87
C THR C 49 -16.79 11.34 2.08
N PRO C 50 -15.64 12.05 2.16
CA PRO C 50 -15.50 13.08 3.16
C PRO C 50 -16.67 14.07 3.11
N GLN C 51 -17.09 14.47 1.92
CA GLN C 51 -18.25 15.35 1.78
C GLN C 51 -19.48 14.76 2.51
N ASP C 52 -19.72 13.47 2.28
CA ASP C 52 -20.84 12.76 2.91
C ASP C 52 -20.71 12.72 4.44
N LEU C 53 -19.50 12.42 4.91
CA LEU C 53 -19.20 12.43 6.33
C LEU C 53 -19.47 13.80 6.94
N ASN C 54 -19.08 14.87 6.24
CA ASN C 54 -19.36 16.21 6.72
C ASN C 54 -20.84 16.57 6.74
N THR C 55 -21.58 16.12 5.74
CA THR C 55 -23.04 16.24 5.75
C THR C 55 -23.60 15.56 7.00
N MET C 56 -23.13 14.35 7.29
CA MET C 56 -23.57 13.64 8.50
C MET C 56 -23.27 14.45 9.76
N LEU C 57 -22.07 14.97 9.86
CA LEU C 57 -21.66 15.75 11.03
C LEU C 57 -22.41 17.06 11.12
N ASN C 58 -22.62 17.73 9.97
CA ASN C 58 -23.25 19.04 9.95
C ASN C 58 -24.78 18.96 10.14
N THR C 59 -25.31 17.75 10.18
CA THR C 59 -26.73 17.54 10.43
C THR C 59 -27.00 17.37 11.92
N VAL C 60 -25.96 17.11 12.71
CA VAL C 60 -26.07 17.14 14.15
C VAL C 60 -26.51 18.52 14.60
N GLY C 61 -27.75 18.61 15.08
CA GLY C 61 -28.25 19.86 15.64
C GLY C 61 -27.76 20.00 17.07
N GLY C 62 -27.09 21.11 17.37
CA GLY C 62 -26.54 21.35 18.69
C GLY C 62 -25.44 20.37 19.00
N HIS C 63 -25.36 19.97 20.26
CA HIS C 63 -24.25 19.22 20.78
C HIS C 63 -22.98 19.97 20.44
N GLN C 64 -22.96 21.23 20.85
CA GLN C 64 -21.90 22.15 20.46
C GLN C 64 -20.54 21.70 21.02
N ALA C 65 -20.50 21.37 22.31
CA ALA C 65 -19.24 21.03 22.98
C ALA C 65 -18.71 19.67 22.51
N ALA C 66 -19.62 18.74 22.26
CA ALA C 66 -19.26 17.46 21.65
C ALA C 66 -18.64 17.68 20.27
N MET C 67 -19.26 18.51 19.44
CA MET C 67 -18.73 18.81 18.09
C MET C 67 -17.37 19.54 18.08
N GLN C 68 -17.21 20.49 19.00
CA GLN C 68 -15.93 21.19 19.18
C GLN C 68 -14.81 20.20 19.49
N MET C 69 -15.07 19.30 20.45
CA MET C 69 -14.11 18.24 20.79
C MET C 69 -13.79 17.35 19.59
N LEU C 70 -14.80 16.99 18.81
CA LEU C 70 -14.60 16.21 17.59
C LEU C 70 -13.71 16.95 16.58
N LYS C 71 -14.02 18.22 16.35
CA LYS C 71 -13.28 19.09 15.43
C LYS C 71 -11.81 19.20 15.83
N GLU C 72 -11.59 19.31 17.12
CA GLU C 72 -10.25 19.34 17.68
C GLU C 72 -9.50 18.00 17.45
N THR C 73 -10.20 16.86 17.56
CA THR C 73 -9.60 15.53 17.31
C THR C 73 -9.19 15.36 15.85
N ILE C 74 -10.10 15.74 14.96
CA ILE C 74 -9.85 15.76 13.51
C ILE C 74 -8.65 16.61 13.11
N ASN C 75 -8.58 17.83 13.63
CA ASN C 75 -7.39 18.69 13.42
C ASN C 75 -6.10 18.06 13.91
N GLU C 76 -6.11 17.38 15.05
CA GLU C 76 -4.91 16.67 15.51
C GLU C 76 -4.50 15.55 14.53
N GLU C 77 -5.47 14.76 14.08
CA GLU C 77 -5.17 13.67 13.13
C GLU C 77 -4.76 14.20 11.75
N ALA C 78 -5.41 15.27 11.31
CA ALA C 78 -4.99 15.97 10.09
C ALA C 78 -3.55 16.52 10.21
N ALA C 79 -3.21 17.17 11.32
CA ALA C 79 -1.83 17.67 11.52
C ALA C 79 -0.83 16.51 11.55
N GLU C 80 -1.21 15.42 12.18
CA GLU C 80 -0.35 14.23 12.23
C GLU C 80 -0.13 13.63 10.81
N TRP C 81 -1.20 13.61 10.01
CA TRP C 81 -1.09 13.16 8.64
C TRP C 81 -0.07 14.02 7.88
N ASP C 82 -0.17 15.34 8.04
CA ASP C 82 0.69 16.25 7.34
C ASP C 82 2.16 16.12 7.76
N ARG C 83 2.38 15.87 9.05
CA ARG C 83 3.70 15.71 9.61
C ARG C 83 4.38 14.45 9.07
N THR C 84 3.60 13.41 8.80
CA THR C 84 4.13 12.14 8.27
C THR C 84 4.00 12.02 6.74
N HIS C 85 3.15 12.84 6.13
CA HIS C 85 2.98 12.92 4.67
C HIS C 85 3.22 14.37 4.16
N PRO C 86 4.45 14.86 4.25
CA PRO C 86 4.68 16.25 3.85
C PRO C 86 4.38 16.46 2.36
N PRO C 87 3.97 17.67 1.96
CA PRO C 87 3.52 17.83 0.58
C PRO C 87 4.66 18.05 -0.41
N ALA C 88 5.44 17.00 -0.66
CA ALA C 88 6.64 17.08 -1.50
C ALA C 88 6.25 17.45 -2.91
N MET C 89 7.02 18.31 -3.55
CA MET C 89 6.75 18.68 -4.91
C MET C 89 7.04 17.54 -5.89
N GLY C 90 6.20 17.47 -6.93
CA GLY C 90 6.38 16.52 -8.05
C GLY C 90 7.59 16.91 -8.87
N PRO C 91 7.72 16.37 -10.10
CA PRO C 91 6.74 15.65 -10.90
C PRO C 91 6.53 14.17 -10.55
N LEU C 92 5.33 13.70 -10.88
CA LEU C 92 4.96 12.32 -10.63
C LEU C 92 5.12 11.43 -11.89
N PRO C 93 5.39 10.14 -11.69
CA PRO C 93 5.41 9.15 -12.78
C PRO C 93 4.03 8.95 -13.39
N PRO C 94 3.95 8.34 -14.58
CA PRO C 94 2.68 8.38 -15.31
C PRO C 94 1.57 7.68 -14.59
N GLY C 95 0.37 8.24 -14.74
CA GLY C 95 -0.85 7.67 -14.16
C GLY C 95 -1.02 7.94 -12.68
N GLN C 96 0.05 8.39 -12.03
CA GLN C 96 -0.03 8.67 -10.62
C GLN C 96 -0.64 10.03 -10.34
N ILE C 97 -1.31 10.13 -9.20
CA ILE C 97 -1.88 11.39 -8.80
C ILE C 97 -1.32 11.80 -7.47
N ARG C 98 -1.56 13.05 -7.19
CA ARG C 98 -1.02 13.72 -6.04
C ARG C 98 -1.68 13.23 -4.74
N GLU C 99 -0.91 13.06 -3.68
CA GLU C 99 -1.46 12.61 -2.39
C GLU C 99 -2.27 13.70 -1.64
N PRO C 100 -3.34 13.31 -0.95
CA PRO C 100 -4.11 14.34 -0.23
C PRO C 100 -3.35 14.89 1.00
N THR C 101 -3.60 16.15 1.34
CA THR C 101 -3.16 16.69 2.61
C THR C 101 -4.19 16.27 3.69
N GLY C 102 -3.93 16.58 4.95
CA GLY C 102 -4.88 16.28 6.03
C GLY C 102 -6.19 17.04 5.89
N SER C 103 -6.09 18.29 5.50
CA SER C 103 -7.29 19.08 5.24
C SER C 103 -8.03 18.60 3.99
N ASP C 104 -7.35 17.91 3.06
CA ASP C 104 -8.05 17.29 1.91
C ASP C 104 -8.87 16.07 2.33
N ILE C 105 -8.28 15.23 3.18
CA ILE C 105 -8.96 14.07 3.76
C ILE C 105 -10.20 14.47 4.56
N ALA C 106 -10.11 15.56 5.35
CA ALA C 106 -11.25 16.00 6.18
C ALA C 106 -12.37 16.66 5.38
N GLY C 107 -12.15 16.87 4.09
CA GLY C 107 -13.11 17.55 3.21
C GLY C 107 -13.09 19.05 3.31
N THR C 108 -12.11 19.61 4.00
CA THR C 108 -12.05 21.07 4.14
C THR C 108 -11.62 21.76 2.83
N THR C 109 -10.61 21.20 2.16
CA THR C 109 -9.98 21.82 1.00
C THR C 109 -10.00 20.92 -0.26
N SER C 110 -10.82 19.88 -0.28
CA SER C 110 -10.91 19.01 -1.45
C SER C 110 -12.35 19.02 -1.90
N THR C 111 -12.55 18.98 -3.21
CA THR C 111 -13.90 19.05 -3.76
C THR C 111 -14.41 17.61 -3.77
N LEU C 112 -15.69 17.40 -3.99
CA LEU C 112 -16.19 16.02 -4.16
C LEU C 112 -15.46 15.33 -5.31
N GLN C 113 -15.29 16.04 -6.42
CA GLN C 113 -14.60 15.44 -7.57
C GLN C 113 -13.18 14.97 -7.21
N GLU C 114 -12.43 15.76 -6.46
CA GLU C 114 -11.09 15.33 -6.02
C GLU C 114 -11.15 14.11 -5.10
N GLN C 115 -12.13 14.04 -4.21
CA GLN C 115 -12.28 12.88 -3.29
C GLN C 115 -12.56 11.61 -4.09
N ILE C 116 -13.49 11.70 -5.05
CA ILE C 116 -13.82 10.57 -5.93
C ILE C 116 -12.57 10.12 -6.72
N GLY C 117 -11.83 11.10 -7.26
CA GLY C 117 -10.54 10.84 -7.89
C GLY C 117 -9.59 10.03 -7.04
N TRP C 118 -9.48 10.33 -5.75
CA TRP C 118 -8.65 9.51 -4.87
C TRP C 118 -9.27 8.16 -4.63
N MET C 119 -10.55 8.15 -4.30
CA MET C 119 -11.22 6.91 -3.88
C MET C 119 -11.35 5.89 -4.99
N THR C 120 -11.47 6.37 -6.23
CA THR C 120 -11.59 5.47 -7.39
C THR C 120 -10.29 5.34 -8.18
N HIS C 121 -9.21 5.94 -7.73
CA HIS C 121 -7.92 5.76 -8.38
C HIS C 121 -7.42 4.33 -8.15
N ASN C 122 -6.46 3.89 -8.95
CA ASN C 122 -5.90 2.55 -8.83
C ASN C 122 -4.37 2.61 -8.66
N PRO C 123 -3.84 2.28 -7.46
CA PRO C 123 -4.59 1.88 -6.28
C PRO C 123 -5.28 3.10 -5.68
N PRO C 124 -6.35 2.85 -4.92
CA PRO C 124 -7.07 3.95 -4.32
C PRO C 124 -6.37 4.52 -3.09
N ILE C 125 -6.61 5.82 -2.84
CA ILE C 125 -6.31 6.45 -1.57
C ILE C 125 -7.68 6.69 -0.93
N PRO C 126 -8.03 5.88 0.10
CA PRO C 126 -9.41 5.86 0.53
C PRO C 126 -9.69 6.97 1.53
N VAL C 127 -9.69 8.19 1.02
CA VAL C 127 -9.88 9.38 1.86
C VAL C 127 -11.17 9.31 2.72
N GLY C 128 -12.19 8.64 2.19
CA GLY C 128 -13.43 8.41 2.92
C GLY C 128 -13.20 7.54 4.14
N GLU C 129 -12.51 6.41 3.97
CA GLU C 129 -12.24 5.51 5.11
C GLU C 129 -11.26 6.13 6.12
N ILE C 130 -10.28 6.89 5.63
CA ILE C 130 -9.28 7.53 6.49
C ILE C 130 -9.97 8.54 7.39
N TYR C 131 -10.78 9.40 6.80
CA TYR C 131 -11.49 10.40 7.58
C TYR C 131 -12.51 9.78 8.55
N LYS C 132 -13.19 8.72 8.12
CA LYS C 132 -14.14 8.04 8.98
C LYS C 132 -13.46 7.49 10.23
N ARG C 133 -12.24 6.97 10.07
CA ARG C 133 -11.46 6.51 11.22
C ARG C 133 -11.15 7.66 12.19
N TRP C 134 -10.83 8.86 11.68
CA TRP C 134 -10.56 10.04 12.53
C TRP C 134 -11.79 10.44 13.32
N ILE C 135 -12.93 10.40 12.64
CA ILE C 135 -14.19 10.72 13.23
C ILE C 135 -14.52 9.73 14.37
N ILE C 136 -14.28 8.44 14.14
CA ILE C 136 -14.57 7.43 15.15
C ILE C 136 -13.65 7.56 16.36
N LEU C 137 -12.39 7.90 16.14
CA LEU C 137 -11.48 8.22 17.25
C LEU C 137 -12.03 9.38 18.09
N GLY C 138 -12.54 10.41 17.42
CA GLY C 138 -13.16 11.54 18.09
C GLY C 138 -14.40 11.16 18.89
N LEU C 139 -15.26 10.34 18.30
CA LEU C 139 -16.46 9.87 19.00
C LEU C 139 -16.12 9.06 20.28
N ASN C 140 -15.05 8.26 20.23
CA ASN C 140 -14.61 7.47 21.40
C ASN C 140 -14.15 8.37 22.55
N LYS C 141 -13.59 9.53 22.23
CA LYS C 141 -13.20 10.49 23.28
C LYS C 141 -14.40 11.20 23.87
N ILE C 142 -15.38 11.54 23.02
CA ILE C 142 -16.60 12.19 23.45
C ILE C 142 -17.45 11.32 24.37
N VAL C 143 -17.64 10.05 24.00
CA VAL C 143 -18.48 9.14 24.80
C VAL C 143 -17.94 9.05 26.20
N ARG C 144 -16.64 9.25 26.33
CA ARG C 144 -16.04 9.56 27.61
C ARG C 144 -16.25 11.06 27.82
N PRO D 2 12.13 -2.14 16.10
CA PRO D 2 12.06 -1.23 14.96
C PRO D 2 12.88 -1.73 13.75
N ILE D 3 12.91 -0.89 12.72
CA ILE D 3 13.54 -1.20 11.46
C ILE D 3 14.55 -0.14 11.22
N VAL D 4 15.80 -0.51 10.95
CA VAL D 4 16.84 0.45 10.67
C VAL D 4 17.61 0.02 9.42
N GLN D 5 18.40 0.91 8.86
CA GLN D 5 19.21 0.59 7.69
C GLN D 5 20.67 0.46 8.08
N ASN D 6 21.34 -0.59 7.57
CA ASN D 6 22.76 -0.80 7.85
C ASN D 6 23.65 -0.23 6.75
N LEU D 7 24.96 -0.30 6.97
CA LEU D 7 25.93 0.36 6.08
C LEU D 7 26.11 -0.31 4.72
N GLN D 8 25.55 -1.49 4.50
CA GLN D 8 25.46 -2.07 3.15
C GLN D 8 24.02 -1.89 2.60
N GLY D 9 23.21 -1.11 3.30
CA GLY D 9 21.96 -0.62 2.75
C GLY D 9 20.74 -1.45 3.11
N GLN D 10 20.95 -2.62 3.70
CA GLN D 10 19.83 -3.51 4.01
C GLN D 10 18.97 -2.93 5.10
N MET D 11 17.66 -3.12 4.97
CA MET D 11 16.73 -2.77 6.03
C MET D 11 16.68 -3.96 6.96
N VAL D 12 17.01 -3.73 8.23
CA VAL D 12 17.19 -4.80 9.23
C VAL D 12 16.45 -4.50 10.52
N HIS D 13 16.05 -5.56 11.22
CA HIS D 13 15.40 -5.39 12.48
C HIS D 13 16.40 -4.92 13.54
N GLN D 14 15.96 -3.96 14.35
CA GLN D 14 16.64 -3.62 15.59
C GLN D 14 15.66 -3.91 16.70
N ALA D 15 16.13 -4.63 17.73
CA ALA D 15 15.28 -4.99 18.87
C ALA D 15 14.73 -3.74 19.55
N ILE D 16 13.49 -3.80 20.00
CA ILE D 16 12.94 -2.73 20.85
C ILE D 16 13.80 -2.54 22.14
N SER D 17 14.07 -1.28 22.49
CA SER D 17 14.94 -1.01 23.63
C SER D 17 14.22 -1.45 24.91
N PRO D 18 14.94 -2.16 25.80
CA PRO D 18 14.37 -2.61 27.07
C PRO D 18 13.86 -1.45 27.93
N ARG D 19 14.54 -0.29 27.84
CA ARG D 19 14.10 0.89 28.58
C ARG D 19 12.80 1.51 28.07
N THR D 20 12.52 1.30 26.78
CA THR D 20 11.27 1.72 26.17
C THR D 20 10.16 0.77 26.57
N LEU D 21 10.43 -0.53 26.59
CA LEU D 21 9.52 -1.51 27.21
C LEU D 21 9.23 -1.15 28.68
N ASN D 22 10.28 -0.89 29.45
CA ASN D 22 10.15 -0.54 30.87
C ASN D 22 9.33 0.71 31.11
N ALA D 23 9.56 1.71 30.27
CA ALA D 23 8.79 2.95 30.31
C ALA D 23 7.31 2.64 30.13
N TRP D 24 7.00 1.83 29.12
CA TRP D 24 5.61 1.42 28.85
C TRP D 24 4.99 0.62 30.01
N VAL D 25 5.71 -0.33 30.60
CA VAL D 25 5.23 -1.07 31.75
C VAL D 25 4.90 -0.11 32.87
N LYS D 26 5.81 0.84 33.07
CA LYS D 26 5.69 1.89 34.10
C LYS D 26 4.47 2.80 33.88
N VAL D 27 4.20 3.13 32.61
CA VAL D 27 3.05 3.98 32.27
C VAL D 27 1.75 3.25 32.63
N VAL D 28 1.67 1.98 32.25
CA VAL D 28 0.51 1.15 32.61
C VAL D 28 0.34 0.90 34.13
N GLU D 29 1.43 0.65 34.86
CA GLU D 29 1.30 0.49 36.29
C GLU D 29 0.70 1.73 36.94
N GLU D 30 1.15 2.91 36.54
CA GLU D 30 0.70 4.16 37.18
C GLU D 30 -0.65 4.63 36.69
N LYS D 31 -0.86 4.53 35.38
CA LYS D 31 -1.98 5.22 34.77
C LYS D 31 -3.04 4.27 34.20
N ALA D 32 -2.86 2.96 34.36
CA ALA D 32 -3.80 1.99 33.83
C ALA D 32 -4.01 2.31 32.35
N PHE D 33 -5.24 2.43 31.87
CA PHE D 33 -5.47 2.88 30.49
C PHE D 33 -6.21 4.22 30.44
N SER D 34 -5.82 5.14 31.32
CA SER D 34 -6.32 6.49 31.25
C SER D 34 -5.88 7.12 29.92
N PRO D 35 -6.59 8.16 29.43
CA PRO D 35 -6.27 8.71 28.10
C PRO D 35 -4.80 9.12 27.88
N GLU D 36 -4.11 9.48 28.96
CA GLU D 36 -2.69 9.86 28.89
C GLU D 36 -1.80 8.74 28.32
N VAL D 37 -2.31 7.52 28.34
CA VAL D 37 -1.56 6.34 27.96
C VAL D 37 -1.48 6.19 26.44
N ILE D 38 -2.45 6.74 25.72
CA ILE D 38 -2.49 6.60 24.28
C ILE D 38 -1.29 7.31 23.64
N PRO D 39 -1.10 8.65 23.87
CA PRO D 39 0.09 9.29 23.29
C PRO D 39 1.41 8.62 23.69
N MET D 40 1.49 8.09 24.91
CA MET D 40 2.72 7.44 25.35
C MET D 40 2.98 6.20 24.49
N PHE D 41 1.96 5.38 24.32
CA PHE D 41 2.02 4.24 23.43
C PHE D 41 2.47 4.60 22.01
N SER D 42 1.92 5.66 21.43
CA SER D 42 2.35 6.09 20.08
C SER D 42 3.78 6.49 20.06
N ALA D 43 4.19 7.32 21.02
CA ALA D 43 5.59 7.77 21.09
C ALA D 43 6.52 6.58 21.29
N LEU D 44 6.14 5.64 22.16
CA LEU D 44 7.05 4.53 22.48
C LEU D 44 7.08 3.46 21.37
N SER D 45 6.10 3.46 20.46
CA SER D 45 6.03 2.44 19.40
C SER D 45 6.42 2.96 18.00
N GLU D 46 7.04 4.14 17.92
CA GLU D 46 7.41 4.69 16.61
C GLU D 46 8.32 3.70 15.86
N GLY D 47 7.95 3.41 14.62
CA GLY D 47 8.67 2.44 13.79
C GLY D 47 8.46 0.99 14.14
N ALA D 48 7.52 0.67 15.02
CA ALA D 48 7.38 -0.71 15.49
C ALA D 48 6.95 -1.61 14.34
N THR D 49 7.46 -2.83 14.36
CA THR D 49 6.91 -3.88 13.53
C THR D 49 5.77 -4.53 14.34
N PRO D 50 4.93 -5.33 13.67
CA PRO D 50 3.94 -6.12 14.42
C PRO D 50 4.51 -6.94 15.59
N GLN D 51 5.64 -7.61 15.39
CA GLN D 51 6.32 -8.32 16.48
C GLN D 51 6.67 -7.39 17.66
N ASP D 52 7.16 -6.18 17.37
CA ASP D 52 7.48 -5.22 18.41
C ASP D 52 6.23 -4.81 19.18
N LEU D 53 5.15 -4.59 18.45
CA LEU D 53 3.88 -4.17 19.04
C LEU D 53 3.34 -5.23 19.99
N ASN D 54 3.43 -6.49 19.56
CA ASN D 54 3.05 -7.61 20.40
C ASN D 54 3.95 -7.78 21.61
N THR D 55 5.23 -7.47 21.45
CA THR D 55 6.11 -7.49 22.62
C THR D 55 5.60 -6.50 23.66
N MET D 56 5.14 -5.33 23.20
CA MET D 56 4.64 -4.31 24.10
C MET D 56 3.33 -4.74 24.79
N LEU D 57 2.39 -5.27 24.03
CA LEU D 57 1.11 -5.71 24.58
C LEU D 57 1.30 -6.86 25.57
N ASN D 58 2.20 -7.78 25.24
CA ASN D 58 2.48 -8.94 26.09
C ASN D 58 2.94 -8.57 27.50
N THR D 59 3.53 -7.39 27.67
CA THR D 59 3.94 -6.92 29.00
C THR D 59 2.78 -6.46 29.92
N VAL D 60 1.58 -6.25 29.40
CA VAL D 60 0.50 -5.71 30.21
C VAL D 60 -0.06 -6.74 31.17
N GLY D 61 0.04 -6.40 32.45
CA GLY D 61 -0.44 -7.24 33.53
C GLY D 61 -1.75 -6.71 34.04
N GLY D 62 -2.70 -7.63 34.24
CA GLY D 62 -4.01 -7.30 34.77
C GLY D 62 -4.86 -6.62 33.71
N HIS D 63 -5.90 -5.93 34.18
CA HIS D 63 -6.86 -5.24 33.32
C HIS D 63 -7.44 -6.20 32.29
N GLN D 64 -7.85 -7.37 32.77
CA GLN D 64 -8.29 -8.43 31.90
C GLN D 64 -9.52 -8.00 31.10
N ALA D 65 -10.47 -7.31 31.74
CA ALA D 65 -11.67 -6.84 31.05
C ALA D 65 -11.32 -5.95 29.84
N ALA D 66 -10.43 -4.98 30.06
CA ALA D 66 -9.95 -4.08 29.00
C ALA D 66 -9.08 -4.78 27.93
N MET D 67 -8.19 -5.67 28.33
CA MET D 67 -7.36 -6.42 27.37
C MET D 67 -8.19 -7.32 26.45
N GLN D 68 -9.32 -7.82 26.95
CA GLN D 68 -10.24 -8.59 26.12
C GLN D 68 -10.94 -7.67 25.11
N MET D 69 -11.22 -6.43 25.52
CA MET D 69 -11.83 -5.45 24.63
C MET D 69 -10.82 -5.12 23.49
N LEU D 70 -9.56 -4.94 23.85
CA LEU D 70 -8.48 -4.71 22.87
C LEU D 70 -8.35 -5.87 21.91
N LYS D 71 -8.32 -7.08 22.46
CA LYS D 71 -8.22 -8.28 21.66
C LYS D 71 -9.38 -8.36 20.67
N GLU D 72 -10.61 -8.08 21.11
CA GLU D 72 -11.73 -8.16 20.16
C GLU D 72 -11.67 -7.06 19.08
N THR D 73 -11.21 -5.88 19.42
CA THR D 73 -11.00 -4.81 18.44
C THR D 73 -9.97 -5.22 17.39
N ILE D 74 -8.84 -5.75 17.85
CA ILE D 74 -7.83 -6.26 16.92
C ILE D 74 -8.44 -7.35 16.04
N ASN D 75 -9.17 -8.31 16.63
CA ASN D 75 -9.82 -9.37 15.86
C ASN D 75 -10.80 -8.84 14.82
N GLU D 76 -11.59 -7.84 15.19
CA GLU D 76 -12.56 -7.22 14.31
C GLU D 76 -11.91 -6.48 13.14
N GLU D 77 -10.84 -5.73 13.40
CA GLU D 77 -10.20 -4.97 12.32
C GLU D 77 -9.46 -5.90 11.36
N ALA D 78 -8.90 -6.98 11.88
CA ALA D 78 -8.26 -8.00 11.04
C ALA D 78 -9.32 -8.68 10.17
N ALA D 79 -10.44 -9.08 10.77
CA ALA D 79 -11.56 -9.63 10.01
C ALA D 79 -12.05 -8.63 8.96
N GLU D 80 -12.20 -7.36 9.36
CA GLU D 80 -12.51 -6.31 8.40
C GLU D 80 -11.51 -6.26 7.26
N TRP D 81 -10.24 -6.28 7.59
CA TRP D 81 -9.22 -6.27 6.56
C TRP D 81 -9.40 -7.43 5.59
N ASP D 82 -9.63 -8.63 6.13
CA ASP D 82 -9.82 -9.80 5.29
C ASP D 82 -11.08 -9.71 4.41
N ARG D 83 -12.10 -9.01 4.88
CA ARG D 83 -13.34 -8.86 4.15
C ARG D 83 -13.20 -7.85 3.01
N THR D 84 -12.39 -6.81 3.20
CA THR D 84 -12.34 -5.72 2.22
C THR D 84 -11.05 -5.69 1.41
N HIS D 85 -10.00 -6.34 1.90
CA HIS D 85 -8.77 -6.51 1.13
C HIS D 85 -8.44 -7.99 1.06
N PRO D 86 -9.40 -8.81 0.62
CA PRO D 86 -9.14 -10.25 0.68
C PRO D 86 -7.97 -10.61 -0.25
N PRO D 87 -7.01 -11.39 0.23
CA PRO D 87 -5.91 -11.75 -0.68
C PRO D 87 -6.36 -12.83 -1.65
N ALA D 88 -5.84 -12.78 -2.87
CA ALA D 88 -5.95 -13.89 -3.77
C ALA D 88 -4.95 -14.93 -3.30
N MET D 89 -5.34 -16.20 -3.37
CA MET D 89 -4.45 -17.27 -2.96
C MET D 89 -3.27 -17.49 -3.93
N GLY D 90 -2.08 -17.66 -3.36
CA GLY D 90 -0.88 -18.08 -4.08
C GLY D 90 -1.00 -19.55 -4.46
N PRO D 91 0.11 -20.21 -4.81
CA PRO D 91 1.54 -19.95 -4.60
C PRO D 91 2.15 -18.78 -5.37
N LEU D 92 3.19 -18.20 -4.79
CA LEU D 92 3.90 -17.09 -5.39
C LEU D 92 5.18 -17.51 -6.06
N PRO D 93 5.59 -16.79 -7.12
CA PRO D 93 6.89 -17.04 -7.75
C PRO D 93 8.06 -16.84 -6.77
N PRO D 94 9.26 -17.28 -7.14
CA PRO D 94 10.44 -17.10 -6.28
C PRO D 94 10.65 -15.64 -5.89
N GLY D 95 10.97 -15.41 -4.61
CA GLY D 95 11.30 -14.07 -4.16
C GLY D 95 10.16 -13.31 -3.56
N GLN D 96 8.93 -13.55 -4.03
CA GLN D 96 7.81 -12.68 -3.75
C GLN D 96 7.10 -13.10 -2.49
N ILE D 97 6.49 -12.13 -1.82
CA ILE D 97 5.76 -12.40 -0.62
C ILE D 97 4.31 -12.07 -0.91
N ARG D 98 3.43 -12.85 -0.31
CA ARG D 98 1.99 -12.65 -0.44
C ARG D 98 1.58 -11.28 0.10
N GLU D 99 0.45 -10.78 -0.37
CA GLU D 99 -0.17 -9.66 0.31
C GLU D 99 -0.61 -10.11 1.70
N PRO D 100 -0.38 -9.26 2.72
CA PRO D 100 -0.66 -9.73 4.06
C PRO D 100 -2.16 -9.86 4.32
N THR D 101 -2.53 -10.91 5.04
CA THR D 101 -3.87 -11.06 5.62
C THR D 101 -3.97 -10.27 6.92
N GLY D 102 -5.17 -10.26 7.53
CA GLY D 102 -5.37 -9.61 8.83
C GLY D 102 -4.51 -10.18 9.95
N SER D 103 -4.45 -11.50 10.03
CA SER D 103 -3.59 -12.13 11.03
C SER D 103 -2.09 -11.86 10.72
N ASP D 104 -1.76 -11.62 9.46
CA ASP D 104 -0.38 -11.28 9.09
C ASP D 104 -0.01 -9.92 9.67
N ILE D 105 -0.95 -8.97 9.60
CA ILE D 105 -0.73 -7.61 10.06
C ILE D 105 -0.60 -7.60 11.58
N ALA D 106 -1.38 -8.45 12.24
CA ALA D 106 -1.35 -8.58 13.70
C ALA D 106 -0.13 -9.34 14.22
N GLY D 107 0.70 -9.87 13.32
CA GLY D 107 1.90 -10.60 13.69
C GLY D 107 1.71 -12.05 14.04
N THR D 108 0.46 -12.54 13.97
CA THR D 108 0.14 -13.91 14.38
C THR D 108 0.57 -14.96 13.38
N THR D 109 0.40 -14.67 12.11
CA THR D 109 0.71 -15.65 11.06
C THR D 109 1.83 -15.18 10.12
N SER D 110 2.58 -14.15 10.51
CA SER D 110 3.66 -13.66 9.68
C SER D 110 4.96 -13.69 10.48
N THR D 111 6.08 -13.81 9.78
CA THR D 111 7.40 -13.80 10.42
C THR D 111 7.94 -12.37 10.39
N LEU D 112 8.99 -12.11 11.17
CA LEU D 112 9.65 -10.79 11.23
C LEU D 112 10.18 -10.36 9.86
N GLN D 113 10.79 -11.30 9.14
CA GLN D 113 11.35 -11.03 7.81
C GLN D 113 10.26 -10.67 6.80
N GLU D 114 9.09 -11.30 6.95
CA GLU D 114 7.93 -10.97 6.11
C GLU D 114 7.40 -9.60 6.46
N GLN D 115 7.42 -9.26 7.75
CA GLN D 115 6.96 -7.94 8.20
C GLN D 115 7.86 -6.84 7.64
N ILE D 116 9.18 -7.02 7.76
CA ILE D 116 10.12 -6.02 7.23
C ILE D 116 10.05 -5.92 5.70
N GLY D 117 9.81 -7.06 5.05
CA GLY D 117 9.61 -7.10 3.61
C GLY D 117 8.43 -6.28 3.16
N TRP D 118 7.30 -6.43 3.83
CA TRP D 118 6.14 -5.57 3.55
C TRP D 118 6.42 -4.09 3.82
N MET D 119 7.08 -3.82 4.94
CA MET D 119 7.26 -2.45 5.43
C MET D 119 8.24 -1.64 4.58
N THR D 120 9.17 -2.33 3.93
CA THR D 120 10.24 -1.71 3.12
C THR D 120 10.09 -1.94 1.61
N HIS D 121 8.95 -2.48 1.20
CA HIS D 121 8.65 -2.66 -0.19
C HIS D 121 8.41 -1.30 -0.87
N ASN D 122 8.61 -1.27 -2.19
CA ASN D 122 8.28 -0.09 -3.00
C ASN D 122 7.24 -0.50 -4.05
N PRO D 123 5.96 -0.14 -3.84
CA PRO D 123 5.41 0.61 -2.72
C PRO D 123 5.21 -0.26 -1.46
N PRO D 124 5.27 0.37 -0.27
CA PRO D 124 5.20 -0.34 0.99
C PRO D 124 3.79 -0.72 1.38
N ILE D 125 3.70 -1.86 2.07
CA ILE D 125 2.53 -2.28 2.81
C ILE D 125 2.95 -2.07 4.27
N PRO D 126 2.54 -0.94 4.87
CA PRO D 126 3.09 -0.58 6.16
C PRO D 126 2.33 -1.28 7.27
N VAL D 127 2.64 -2.56 7.47
CA VAL D 127 1.87 -3.39 8.40
C VAL D 127 2.06 -2.96 9.85
N GLY D 128 3.22 -2.39 10.16
CA GLY D 128 3.48 -1.86 11.47
C GLY D 128 2.47 -0.77 11.78
N GLU D 129 2.34 0.19 10.87
CA GLU D 129 1.44 1.34 11.03
C GLU D 129 -0.07 0.90 11.00
N ILE D 130 -0.42 -0.09 10.18
CA ILE D 130 -1.80 -0.58 10.16
C ILE D 130 -2.20 -1.26 11.48
N TYR D 131 -1.33 -2.13 12.01
CA TYR D 131 -1.58 -2.79 13.29
C TYR D 131 -1.64 -1.81 14.46
N LYS D 132 -0.70 -0.88 14.49
CA LYS D 132 -0.65 0.15 15.51
C LYS D 132 -1.96 0.93 15.54
N ARG D 133 -2.43 1.31 14.35
CA ARG D 133 -3.72 1.93 14.15
C ARG D 133 -4.86 1.10 14.76
N TRP D 134 -4.84 -0.21 14.57
CA TRP D 134 -5.89 -1.03 15.21
C TRP D 134 -5.77 -1.00 16.74
N ILE D 135 -4.54 -1.06 17.25
CA ILE D 135 -4.30 -1.06 18.70
C ILE D 135 -4.76 0.27 19.34
N ILE D 136 -4.46 1.38 18.67
CA ILE D 136 -4.84 2.73 19.14
C ILE D 136 -6.35 2.90 19.17
N LEU D 137 -7.03 2.30 18.19
CA LEU D 137 -8.48 2.24 18.17
C LEU D 137 -8.96 1.46 19.37
N GLY D 138 -8.37 0.29 19.60
CA GLY D 138 -8.66 -0.50 20.81
C GLY D 138 -8.50 0.37 22.07
N LEU D 139 -7.37 1.06 22.19
CA LEU D 139 -7.13 1.89 23.37
C LEU D 139 -8.16 3.02 23.51
N ASN D 140 -8.59 3.60 22.39
CA ASN D 140 -9.53 4.71 22.48
C ASN D 140 -10.87 4.20 22.99
N LYS D 141 -11.22 2.99 22.61
CA LYS D 141 -12.41 2.35 23.13
C LYS D 141 -12.29 2.14 24.65
N ILE D 142 -11.14 1.69 25.10
CA ILE D 142 -10.90 1.31 26.50
C ILE D 142 -10.80 2.47 27.50
N VAL D 143 -10.21 3.59 27.09
CA VAL D 143 -9.98 4.73 27.99
C VAL D 143 -11.26 5.23 28.66
N ARG D 144 -12.39 4.99 28.02
CA ARG D 144 -13.71 5.23 28.61
C ARG D 144 -13.90 4.48 29.96
N MET D 145 -13.21 3.36 30.14
CA MET D 145 -13.23 2.62 31.40
C MET D 145 -12.37 3.26 32.51
N TYR D 146 -11.42 4.12 32.14
CA TYR D 146 -10.42 4.65 33.06
C TYR D 146 -10.32 6.18 33.07
#